data_1JE8
#
_entry.id   1JE8
#
_cell.length_a   76.257
_cell.length_b   52.741
_cell.length_c   83.863
_cell.angle_alpha   90.00
_cell.angle_beta   90.00
_cell.angle_gamma   90.00
#
_symmetry.space_group_name_H-M   'P 1 21 1'
#
loop_
_entity.id
_entity.type
_entity.pdbx_description
1 polymer "5'-D(*CP*GP*TP*AP*CP*CP*CP*AP*TP*TP*AP*AP*TP*GP*GP*GP*TP*AP*CP*G)-3'"
2 polymer 'Nitrate/Nitrite Response Regulator Protein NARL'
3 non-polymer 'SULFATE ION'
4 water water
#
loop_
_entity_poly.entity_id
_entity_poly.type
_entity_poly.pdbx_seq_one_letter_code
_entity_poly.pdbx_strand_id
1 'polydeoxyribonucleotide' (DC)(DG)(DT)(DA)(DC)(DC)(DC)(DA)(DT)(DT)(DA)(DA)(DT)(DG)(DG)(DG)(DT)(DA)(DC)(DG) C,D,G,H
2 'polypeptide(L)'
;(MSE)RGSHHHHHHGSATTERDVNQLTPRERDILKLIAQGLPNK(MSE)IARRLDITESTVKVHVKH(MSE)LKK(MSE)
KLKSRVEAAVWVHQERIF
;
A,B,E,F
#
loop_
_chem_comp.id
_chem_comp.type
_chem_comp.name
_chem_comp.formula
DA DNA linking 2'-DEOXYADENOSINE-5'-MONOPHOSPHATE 'C10 H14 N5 O6 P'
DC DNA linking 2'-DEOXYCYTIDINE-5'-MONOPHOSPHATE 'C9 H14 N3 O7 P'
DG DNA linking 2'-DEOXYGUANOSINE-5'-MONOPHOSPHATE 'C10 H14 N5 O7 P'
DT DNA linking THYMIDINE-5'-MONOPHOSPHATE 'C10 H15 N2 O8 P'
SO4 non-polymer 'SULFATE ION' 'O4 S -2'
#
# COMPACT_ATOMS: atom_id res chain seq x y z
N ARG E 17 0.07 -34.45 13.85
CA ARG E 17 1.51 -34.28 13.49
C ARG E 17 2.34 -34.10 14.76
N ASP E 18 3.07 -35.15 15.15
CA ASP E 18 3.90 -35.12 16.35
C ASP E 18 5.34 -35.47 16.02
N VAL E 19 6.23 -34.50 16.12
CA VAL E 19 7.64 -34.72 15.80
C VAL E 19 8.33 -35.73 16.72
N ASN E 20 7.79 -35.89 17.92
CA ASN E 20 8.35 -36.79 18.90
C ASN E 20 8.11 -38.26 18.59
N GLN E 21 7.21 -38.52 17.66
CA GLN E 21 6.91 -39.90 17.29
C GLN E 21 7.98 -40.45 16.36
N LEU E 22 8.81 -39.56 15.83
CA LEU E 22 9.87 -39.99 14.92
C LEU E 22 11.03 -40.51 15.74
N THR E 23 11.96 -41.19 15.06
CA THR E 23 13.14 -41.72 15.74
C THR E 23 14.22 -40.64 15.63
N PRO E 24 15.31 -40.79 16.39
CA PRO E 24 16.36 -39.77 16.29
C PRO E 24 16.83 -39.57 14.86
N ARG E 25 17.14 -40.66 14.16
CA ARG E 25 17.61 -40.58 12.79
C ARG E 25 16.60 -39.91 11.89
N GLU E 26 15.33 -40.23 12.10
CA GLU E 26 14.29 -39.63 11.30
C GLU E 26 14.27 -38.12 11.49
N ARG E 27 14.54 -37.67 12.72
CA ARG E 27 14.58 -36.24 13.00
C ARG E 27 15.85 -35.64 12.40
N ASP E 28 16.93 -36.43 12.37
CA ASP E 28 18.16 -35.95 11.76
C ASP E 28 17.87 -35.63 10.29
N ILE E 29 17.25 -36.59 9.60
CA ILE E 29 16.92 -36.41 8.18
C ILE E 29 15.91 -35.28 7.97
N LEU E 30 14.87 -35.24 8.78
CA LEU E 30 13.88 -34.18 8.64
C LEU E 30 14.51 -32.79 8.79
N LYS E 31 15.46 -32.65 9.71
CA LYS E 31 16.15 -31.37 9.91
C LYS E 31 16.90 -30.98 8.65
N LEU E 32 17.62 -31.94 8.07
CA LEU E 32 18.35 -31.64 6.85
C LEU E 32 17.43 -31.37 5.65
N ILE E 33 16.27 -32.03 5.59
CA ILE E 33 15.30 -31.79 4.52
C ILE E 33 14.81 -30.35 4.65
N ALA E 34 14.52 -29.94 5.88
CA ALA E 34 14.04 -28.59 6.15
C ALA E 34 15.09 -27.56 5.78
N GLN E 35 16.32 -28.00 5.56
CA GLN E 35 17.39 -27.09 5.17
C GLN E 35 17.60 -27.19 3.66
N GLY E 36 16.65 -27.84 2.99
CA GLY E 36 16.65 -28.00 1.54
C GLY E 36 17.66 -28.91 0.87
N LEU E 37 18.13 -29.93 1.60
CA LEU E 37 19.14 -30.84 1.07
C LEU E 37 18.56 -32.06 0.39
N PRO E 38 19.09 -32.42 -0.79
CA PRO E 38 18.63 -33.60 -1.52
C PRO E 38 19.18 -34.83 -0.81
N ASN E 39 18.58 -36.01 -1.03
CA ASN E 39 19.04 -37.23 -0.37
C ASN E 39 20.56 -37.50 -0.45
N LYS E 40 21.18 -37.22 -1.59
CA LYS E 40 22.63 -37.48 -1.74
C LYS E 40 23.45 -36.61 -0.80
N MSE E 41 23.01 -35.36 -0.59
CA MSE E 41 23.74 -34.47 0.33
C MSE E 41 23.54 -34.92 1.79
O MSE E 41 24.46 -34.88 2.61
CB MSE E 41 23.28 -33.03 0.15
CG MSE E 41 23.85 -32.36 -1.08
SE MSE E 41 25.83 -32.46 -1.12
CE MSE E 41 26.13 -31.72 -2.91
N ILE E 42 22.32 -35.31 2.12
CA ILE E 42 22.04 -35.78 3.47
C ILE E 42 22.93 -37.00 3.79
N ALA E 43 23.08 -37.89 2.82
CA ALA E 43 23.89 -39.09 2.99
C ALA E 43 25.36 -38.75 3.29
N ARG E 44 25.88 -37.76 2.58
CA ARG E 44 27.27 -37.34 2.78
C ARG E 44 27.45 -36.60 4.10
N ARG E 45 26.42 -35.85 4.48
CA ARG E 45 26.45 -35.09 5.72
C ARG E 45 26.42 -36.00 6.96
N LEU E 46 25.60 -37.06 6.88
CA LEU E 46 25.46 -37.99 7.99
C LEU E 46 26.39 -39.19 7.82
N ASP E 47 27.09 -39.24 6.70
CA ASP E 47 28.02 -40.30 6.42
C ASP E 47 27.36 -41.69 6.45
N ILE E 48 26.24 -41.82 5.73
CA ILE E 48 25.53 -43.09 5.59
C ILE E 48 25.17 -43.13 4.13
N THR E 49 24.82 -44.30 3.60
CA THR E 49 24.52 -44.41 2.18
C THR E 49 23.22 -43.69 1.82
N GLU E 50 23.02 -43.46 0.53
CA GLU E 50 21.81 -42.78 0.08
C GLU E 50 20.62 -43.70 0.30
N SER E 51 20.87 -45.01 0.19
CA SER E 51 19.84 -46.03 0.38
C SER E 51 19.22 -45.85 1.75
N THR E 52 20.07 -45.76 2.77
CA THR E 52 19.61 -45.58 4.17
C THR E 52 18.84 -44.28 4.33
N VAL E 53 19.36 -43.19 3.78
CA VAL E 53 18.65 -41.92 3.89
C VAL E 53 17.22 -42.09 3.35
N LYS E 54 17.11 -42.70 2.18
CA LYS E 54 15.80 -42.93 1.55
C LYS E 54 14.84 -43.74 2.42
N VAL E 55 15.39 -44.69 3.19
CA VAL E 55 14.56 -45.49 4.09
C VAL E 55 14.04 -44.58 5.22
N HIS E 56 14.93 -43.78 5.81
CA HIS E 56 14.50 -42.87 6.86
C HIS E 56 13.47 -41.90 6.30
N VAL E 57 13.71 -41.40 5.09
CA VAL E 57 12.78 -40.46 4.47
C VAL E 57 11.37 -41.02 4.31
N LYS E 58 11.23 -42.23 3.79
CA LYS E 58 9.90 -42.77 3.60
C LYS E 58 9.22 -43.14 4.93
N HIS E 59 10.01 -43.52 5.93
CA HIS E 59 9.46 -43.85 7.24
C HIS E 59 8.91 -42.58 7.85
N MSE E 60 9.68 -41.51 7.78
CA MSE E 60 9.27 -40.22 8.32
C MSE E 60 8.00 -39.73 7.63
O MSE E 60 7.05 -39.30 8.28
CB MSE E 60 10.42 -39.22 8.12
CG MSE E 60 10.13 -37.82 8.62
SE MSE E 60 9.12 -36.77 7.34
CE MSE E 60 10.63 -36.33 6.13
N LEU E 61 7.99 -39.80 6.31
CA LEU E 61 6.87 -39.37 5.51
C LEU E 61 5.59 -40.14 5.85
N LYS E 62 5.71 -41.45 6.10
CA LYS E 62 4.52 -42.23 6.44
C LYS E 62 4.00 -41.88 7.83
N LYS E 63 4.89 -41.84 8.82
CA LYS E 63 4.53 -41.52 10.20
C LYS E 63 3.90 -40.14 10.31
N MSE E 64 4.49 -39.15 9.65
CA MSE E 64 3.97 -37.79 9.72
C MSE E 64 2.87 -37.48 8.74
O MSE E 64 2.43 -36.33 8.64
CB MSE E 64 5.13 -36.81 9.54
CG MSE E 64 6.14 -36.95 10.63
SE MSE E 64 5.51 -36.47 12.39
CE MSE E 64 7.11 -35.61 12.91
N LYS E 65 2.43 -38.49 8.00
CA LYS E 65 1.38 -38.32 7.00
C LYS E 65 1.64 -37.11 6.08
N LEU E 66 2.86 -37.01 5.55
CA LEU E 66 3.23 -35.91 4.66
C LEU E 66 3.36 -36.51 3.28
N LYS E 67 2.90 -35.77 2.27
CA LYS E 67 2.92 -36.25 0.90
C LYS E 67 4.27 -36.21 0.18
N SER E 68 5.18 -35.38 0.68
CA SER E 68 6.49 -35.25 0.06
C SER E 68 7.46 -34.54 0.97
N ARG E 69 8.74 -34.56 0.60
CA ARG E 69 9.75 -33.87 1.40
C ARG E 69 9.48 -32.37 1.42
N VAL E 70 8.84 -31.84 0.38
CA VAL E 70 8.57 -30.41 0.37
C VAL E 70 7.54 -30.10 1.44
N GLU E 71 6.53 -30.95 1.60
CA GLU E 71 5.55 -30.72 2.66
C GLU E 71 6.30 -30.77 3.99
N ALA E 72 7.16 -31.77 4.12
CA ALA E 72 7.96 -31.93 5.32
C ALA E 72 8.74 -30.64 5.66
N ALA E 73 9.37 -30.03 4.65
CA ALA E 73 10.14 -28.80 4.83
C ALA E 73 9.25 -27.62 5.22
N VAL E 74 8.16 -27.46 4.50
CA VAL E 74 7.21 -26.38 4.76
C VAL E 74 6.62 -26.55 6.17
N TRP E 75 6.15 -27.75 6.46
CA TRP E 75 5.58 -28.06 7.77
C TRP E 75 6.55 -27.67 8.87
N VAL E 76 7.82 -28.05 8.72
CA VAL E 76 8.84 -27.74 9.73
C VAL E 76 9.00 -26.23 9.97
N HIS E 77 8.92 -25.44 8.91
CA HIS E 77 9.08 -23.98 9.03
C HIS E 77 7.84 -23.29 9.58
N GLN E 78 6.68 -23.87 9.31
CA GLN E 78 5.43 -23.33 9.82
C GLN E 78 5.28 -23.56 11.33
N GLU E 79 5.35 -24.81 11.75
CA GLU E 79 5.22 -25.13 13.18
C GLU E 79 6.52 -24.83 13.91
N ARG E 80 7.44 -24.17 13.23
CA ARG E 80 8.73 -23.84 13.83
C ARG E 80 9.32 -24.98 14.67
N ILE E 81 9.23 -26.19 14.13
CA ILE E 81 9.78 -27.36 14.80
C ILE E 81 11.30 -27.21 14.78
N PHE E 82 11.98 -27.89 15.69
CA PHE E 82 13.43 -27.79 15.78
C PHE E 82 13.87 -26.35 16.11
N ARG F 17 19.50 -11.90 -4.54
CA ARG F 17 18.32 -12.80 -4.71
C ARG F 17 17.04 -12.02 -4.45
N ASP F 18 16.61 -11.24 -5.44
CA ASP F 18 15.41 -10.42 -5.32
C ASP F 18 14.18 -11.05 -5.95
N VAL F 19 13.15 -11.23 -5.14
CA VAL F 19 11.91 -11.83 -5.62
C VAL F 19 11.27 -10.99 -6.71
N ASN F 20 11.55 -9.69 -6.66
CA ASN F 20 10.98 -8.77 -7.61
C ASN F 20 11.53 -8.97 -9.01
N GLN F 21 12.67 -9.65 -9.12
CA GLN F 21 13.29 -9.93 -10.41
C GLN F 21 12.46 -10.94 -11.21
N LEU F 22 11.54 -11.61 -10.53
CA LEU F 22 10.68 -12.62 -11.17
C LEU F 22 9.45 -12.00 -11.81
N THR F 23 8.84 -12.73 -12.72
CA THR F 23 7.64 -12.25 -13.38
C THR F 23 6.48 -12.59 -12.46
N PRO F 24 5.31 -11.97 -12.69
CA PRO F 24 4.14 -12.23 -11.86
C PRO F 24 3.85 -13.73 -11.76
N ARG F 25 3.75 -14.42 -12.90
CA ARG F 25 3.46 -15.86 -12.93
C ARG F 25 4.53 -16.66 -12.21
N GLU F 26 5.78 -16.22 -12.31
CA GLU F 26 6.87 -16.88 -11.62
C GLU F 26 6.70 -16.77 -10.10
N ARG F 27 6.14 -15.66 -9.62
CA ARG F 27 5.89 -15.47 -8.20
C ARG F 27 4.67 -16.28 -7.78
N ASP F 28 3.73 -16.46 -8.71
CA ASP F 28 2.54 -17.28 -8.45
C ASP F 28 3.00 -18.72 -8.17
N ILE F 29 3.90 -19.22 -9.02
CA ILE F 29 4.42 -20.58 -8.86
C ILE F 29 5.22 -20.70 -7.56
N LEU F 30 6.08 -19.71 -7.28
CA LEU F 30 6.90 -19.73 -6.09
C LEU F 30 6.00 -19.84 -4.84
N LYS F 31 4.96 -19.01 -4.81
CA LYS F 31 4.05 -19.02 -3.66
C LYS F 31 3.46 -20.41 -3.44
N LEU F 32 2.99 -21.03 -4.52
CA LEU F 32 2.42 -22.35 -4.41
C LEU F 32 3.44 -23.44 -4.03
N ILE F 33 4.67 -23.33 -4.52
CA ILE F 33 5.72 -24.28 -4.17
C ILE F 33 6.02 -24.13 -2.67
N ALA F 34 6.08 -22.89 -2.18
CA ALA F 34 6.35 -22.64 -0.76
C ALA F 34 5.23 -23.18 0.12
N GLN F 35 4.13 -23.57 -0.51
CA GLN F 35 3.00 -24.13 0.20
C GLN F 35 3.01 -25.64 0.01
N GLY F 36 4.16 -26.14 -0.44
CA GLY F 36 4.37 -27.57 -0.66
C GLY F 36 3.60 -28.33 -1.73
N LEU F 37 3.15 -27.64 -2.76
CA LEU F 37 2.40 -28.30 -3.82
C LEU F 37 3.27 -28.81 -4.98
N PRO F 38 2.96 -30.03 -5.48
CA PRO F 38 3.74 -30.58 -6.60
C PRO F 38 3.27 -29.85 -7.87
N ASN F 39 4.02 -29.97 -8.98
CA ASN F 39 3.64 -29.30 -10.22
C ASN F 39 2.20 -29.57 -10.69
N LYS F 40 1.75 -30.82 -10.58
CA LYS F 40 0.41 -31.20 -11.00
C LYS F 40 -0.69 -30.43 -10.27
N MSE F 41 -0.51 -30.22 -8.96
CA MSE F 41 -1.49 -29.49 -8.18
C MSE F 41 -1.45 -28.02 -8.54
O MSE F 41 -2.49 -27.36 -8.64
CB MSE F 41 -1.23 -29.65 -6.68
CG MSE F 41 -1.72 -30.99 -6.13
SE MSE F 41 -3.60 -31.34 -6.63
CE MSE F 41 -3.72 -33.20 -6.03
N ILE F 42 -0.25 -27.50 -8.75
CA ILE F 42 -0.08 -26.10 -9.11
C ILE F 42 -0.81 -25.85 -10.42
N ALA F 43 -0.74 -26.81 -11.33
CA ALA F 43 -1.38 -26.68 -12.61
C ALA F 43 -2.91 -26.57 -12.50
N ARG F 44 -3.49 -27.37 -11.61
CA ARG F 44 -4.93 -27.35 -11.41
C ARG F 44 -5.35 -26.09 -10.67
N ARG F 45 -4.54 -25.68 -9.70
CA ARG F 45 -4.86 -24.48 -8.92
C ARG F 45 -4.83 -23.24 -9.83
N LEU F 46 -3.91 -23.24 -10.78
CA LEU F 46 -3.72 -22.12 -11.69
C LEU F 46 -4.47 -22.28 -13.02
N ASP F 47 -5.11 -23.43 -13.20
CA ASP F 47 -5.85 -23.71 -14.42
C ASP F 47 -4.98 -23.64 -15.69
N ILE F 48 -3.74 -24.11 -15.59
CA ILE F 48 -2.84 -24.16 -16.74
C ILE F 48 -2.30 -25.59 -16.76
N THR F 49 -1.65 -25.99 -17.84
CA THR F 49 -1.11 -27.35 -17.95
C THR F 49 0.13 -27.52 -17.11
N GLU F 50 0.45 -28.76 -16.74
CA GLU F 50 1.63 -29.03 -15.95
C GLU F 50 2.88 -28.60 -16.72
N SER F 51 2.81 -28.71 -18.05
CA SER F 51 3.92 -28.33 -18.92
C SER F 51 4.34 -26.91 -18.64
N THR F 52 3.37 -25.99 -18.68
CA THR F 52 3.62 -24.57 -18.42
C THR F 52 4.11 -24.31 -16.99
N VAL F 53 3.58 -25.07 -16.04
CA VAL F 53 4.01 -24.93 -14.67
C VAL F 53 5.50 -25.24 -14.60
N LYS F 54 5.92 -26.32 -15.27
CA LYS F 54 7.33 -26.71 -15.24
C LYS F 54 8.24 -25.65 -15.83
N VAL F 55 7.77 -24.98 -16.88
CA VAL F 55 8.54 -23.92 -17.52
C VAL F 55 8.76 -22.77 -16.54
N HIS F 56 7.71 -22.38 -15.83
CA HIS F 56 7.83 -21.30 -14.82
C HIS F 56 8.76 -21.70 -13.67
N VAL F 57 8.64 -22.94 -13.19
CA VAL F 57 9.50 -23.43 -12.11
C VAL F 57 10.95 -23.35 -12.54
N LYS F 58 11.22 -23.85 -13.74
CA LYS F 58 12.56 -23.88 -14.36
C LYS F 58 13.15 -22.48 -14.49
N HIS F 59 12.34 -21.52 -14.94
CA HIS F 59 12.79 -20.15 -15.09
C HIS F 59 13.07 -19.54 -13.74
N MSE F 60 12.17 -19.77 -12.79
CA MSE F 60 12.31 -19.24 -11.45
C MSE F 60 13.57 -19.74 -10.75
O MSE F 60 14.32 -18.95 -10.18
CB MSE F 60 11.07 -19.61 -10.63
CG MSE F 60 10.99 -19.05 -9.20
SE MSE F 60 11.87 -20.18 -7.86
CE MSE F 60 10.71 -21.76 -7.99
N LEU F 61 13.84 -21.04 -10.83
CA LEU F 61 15.01 -21.58 -10.17
C LEU F 61 16.29 -20.95 -10.72
N LYS F 62 16.41 -20.84 -12.05
CA LYS F 62 17.61 -20.27 -12.62
C LYS F 62 17.80 -18.82 -12.21
N LYS F 63 16.73 -18.04 -12.32
CA LYS F 63 16.78 -16.63 -11.95
C LYS F 63 17.09 -16.39 -10.46
N MSE F 64 16.67 -17.31 -9.61
CA MSE F 64 16.91 -17.13 -8.18
C MSE F 64 18.10 -17.93 -7.69
O MSE F 64 18.39 -17.93 -6.51
CB MSE F 64 15.67 -17.53 -7.38
CG MSE F 64 14.44 -16.63 -7.61
SE MSE F 64 14.57 -14.85 -6.89
CE MSE F 64 15.70 -14.04 -8.24
N LYS F 65 18.79 -18.60 -8.61
CA LYS F 65 19.95 -19.41 -8.25
C LYS F 65 19.65 -20.43 -7.16
N LEU F 66 18.51 -21.11 -7.29
CA LEU F 66 18.09 -22.13 -6.35
C LEU F 66 18.31 -23.46 -7.07
N LYS F 67 18.71 -24.48 -6.33
CA LYS F 67 19.00 -25.80 -6.90
C LYS F 67 17.81 -26.74 -7.04
N SER F 68 16.75 -26.44 -6.30
CA SER F 68 15.55 -27.27 -6.34
C SER F 68 14.36 -26.53 -5.76
N ARG F 69 13.17 -27.08 -5.99
CA ARG F 69 11.95 -26.46 -5.47
C ARG F 69 11.95 -26.49 -3.95
N VAL F 70 12.73 -27.38 -3.35
CA VAL F 70 12.79 -27.43 -1.89
C VAL F 70 13.57 -26.22 -1.35
N GLU F 71 14.69 -25.88 -2.00
CA GLU F 71 15.46 -24.70 -1.58
C GLU F 71 14.55 -23.49 -1.75
N ALA F 72 13.82 -23.45 -2.86
CA ALA F 72 12.89 -22.35 -3.12
C ALA F 72 11.88 -22.20 -1.98
N ALA F 73 11.37 -23.33 -1.49
CA ALA F 73 10.38 -23.34 -0.42
C ALA F 73 11.00 -22.91 0.91
N VAL F 74 12.18 -23.45 1.21
CA VAL F 74 12.84 -23.09 2.46
C VAL F 74 13.22 -21.61 2.46
N TRP F 75 13.79 -21.13 1.35
CA TRP F 75 14.18 -19.72 1.19
C TRP F 75 12.98 -18.82 1.48
N VAL F 76 11.86 -19.10 0.84
CA VAL F 76 10.66 -18.30 1.05
C VAL F 76 10.26 -18.20 2.53
N HIS F 77 10.40 -19.30 3.26
CA HIS F 77 10.04 -19.31 4.67
C HIS F 77 11.07 -18.66 5.56
N GLN F 78 12.35 -18.87 5.27
CA GLN F 78 13.41 -18.27 6.05
C GLN F 78 13.46 -16.76 5.89
N GLU F 79 13.44 -16.28 4.65
CA GLU F 79 13.50 -14.84 4.41
C GLU F 79 12.10 -14.22 4.38
N ARG F 80 11.09 -15.01 4.74
CA ARG F 80 9.72 -14.54 4.76
C ARG F 80 9.39 -13.70 3.53
N ILE F 81 9.78 -14.19 2.35
CA ILE F 81 9.54 -13.49 1.09
C ILE F 81 8.09 -13.03 0.92
N PHE F 82 7.16 -13.88 1.33
CA PHE F 82 5.76 -13.55 1.21
C PHE F 82 5.09 -13.45 2.59
N GLU G 16 -23.22 24.21 14.38
CA GLU G 16 -22.76 23.33 15.49
C GLU G 16 -21.62 22.46 14.97
N ARG G 17 -20.40 23.01 15.04
CA ARG G 17 -19.22 22.30 14.57
C ARG G 17 -18.26 21.89 15.68
N ASP G 18 -17.70 22.89 16.37
CA ASP G 18 -16.78 22.65 17.49
C ASP G 18 -15.49 21.99 17.02
N VAL G 19 -14.43 22.79 16.94
CA VAL G 19 -13.14 22.31 16.48
C VAL G 19 -12.52 21.30 17.43
N ASN G 20 -12.97 21.30 18.68
CA ASN G 20 -12.45 20.37 19.66
C ASN G 20 -12.82 18.94 19.33
N GLN G 21 -13.76 18.76 18.41
CA GLN G 21 -14.19 17.42 18.00
C GLN G 21 -13.15 16.76 17.12
N LEU G 22 -12.25 17.57 16.56
CA LEU G 22 -11.20 17.07 15.68
C LEU G 22 -10.02 16.54 16.49
N THR G 23 -9.15 15.78 15.83
CA THR G 23 -7.97 15.25 16.48
C THR G 23 -6.89 16.33 16.32
N PRO G 24 -5.78 16.21 17.06
CA PRO G 24 -4.70 17.20 16.96
C PRO G 24 -4.24 17.39 15.51
N ARG G 25 -3.92 16.29 14.82
CA ARG G 25 -3.48 16.33 13.42
C ARG G 25 -4.51 17.01 12.53
N GLU G 26 -5.78 16.71 12.75
CA GLU G 26 -6.84 17.32 12.00
C GLU G 26 -6.85 18.84 12.21
N ARG G 27 -6.46 19.29 13.41
CA ARG G 27 -6.43 20.72 13.66
C ARG G 27 -5.18 21.31 13.02
N ASP G 28 -4.11 20.52 12.95
CA ASP G 28 -2.90 21.00 12.28
C ASP G 28 -3.19 21.27 10.79
N ILE G 29 -3.85 20.31 10.13
CA ILE G 29 -4.20 20.43 8.72
C ILE G 29 -5.17 21.62 8.53
N LEU G 30 -6.19 21.72 9.39
CA LEU G 30 -7.15 22.82 9.27
C LEU G 30 -6.45 24.18 9.35
N LYS G 31 -5.57 24.36 10.34
CA LYS G 31 -4.88 25.63 10.47
C LYS G 31 -4.13 25.97 9.18
N LEU G 32 -3.47 24.98 8.59
CA LEU G 32 -2.74 25.21 7.36
C LEU G 32 -3.67 25.47 6.18
N ILE G 33 -4.81 24.79 6.13
CA ILE G 33 -5.80 24.99 5.07
C ILE G 33 -6.22 26.45 5.14
N ALA G 34 -6.54 26.92 6.35
CA ALA G 34 -6.96 28.29 6.57
C ALA G 34 -5.88 29.30 6.21
N GLN G 35 -4.67 28.82 5.95
CA GLN G 35 -3.59 29.70 5.57
C GLN G 35 -3.35 29.51 4.08
N GLY G 36 -4.38 28.99 3.40
CA GLY G 36 -4.38 28.75 1.96
C GLY G 36 -3.37 27.82 1.31
N LEU G 37 -2.89 26.84 2.04
CA LEU G 37 -1.90 25.92 1.50
C LEU G 37 -2.54 24.69 0.84
N PRO G 38 -2.01 24.28 -0.31
CA PRO G 38 -2.55 23.09 -0.99
C PRO G 38 -2.03 21.85 -0.25
N ASN G 39 -2.60 20.68 -0.52
CA ASN G 39 -2.15 19.45 0.17
C ASN G 39 -0.64 19.19 0.11
N LYS G 40 -0.05 19.36 -1.07
CA LYS G 40 1.39 19.12 -1.24
C LYS G 40 2.23 19.98 -0.33
N MSE G 41 1.84 21.23 -0.16
CA MSE G 41 2.59 22.15 0.72
C MSE G 41 2.41 21.76 2.18
O MSE G 41 3.36 21.82 2.97
CB MSE G 41 2.14 23.60 0.52
CG MSE G 41 2.71 24.28 -0.72
SE MSE G 41 4.67 24.00 -0.83
CE MSE G 41 5.02 24.14 1.05
N ILE G 42 1.19 21.37 2.54
CA ILE G 42 0.91 20.95 3.91
C ILE G 42 1.79 19.75 4.25
N ALA G 43 1.90 18.83 3.29
CA ALA G 43 2.70 17.63 3.50
C ALA G 43 4.14 17.98 3.84
N ARG G 44 4.71 18.95 3.12
CA ARG G 44 6.08 19.39 3.34
C ARG G 44 6.25 20.13 4.66
N ARG G 45 5.27 20.95 5.02
CA ARG G 45 5.33 21.70 6.26
C ARG G 45 5.26 20.79 7.49
N LEU G 46 4.53 19.69 7.36
CA LEU G 46 4.37 18.74 8.46
C LEU G 46 5.30 17.54 8.34
N ASP G 47 6.03 17.48 7.23
CA ASP G 47 6.96 16.40 6.97
C ASP G 47 6.28 15.01 6.95
N ILE G 48 5.14 14.92 6.26
CA ILE G 48 4.41 13.66 6.12
C ILE G 48 4.06 13.62 4.65
N THR G 49 3.72 12.45 4.12
CA THR G 49 3.39 12.34 2.70
C THR G 49 2.09 13.07 2.37
N GLU G 50 1.83 13.32 1.10
CA GLU G 50 0.61 14.01 0.69
C GLU G 50 -0.58 13.09 0.95
N SER G 51 -0.35 11.78 0.80
CA SER G 51 -1.38 10.79 1.01
C SER G 51 -2.00 10.97 2.38
N THR G 52 -1.15 11.06 3.41
CA THR G 52 -1.63 11.22 4.79
C THR G 52 -2.36 12.55 5.02
N VAL G 53 -1.89 13.60 4.35
CA VAL G 53 -2.54 14.89 4.47
C VAL G 53 -3.95 14.74 3.92
N LYS G 54 -4.07 14.10 2.76
CA LYS G 54 -5.39 13.91 2.15
C LYS G 54 -6.34 13.16 3.08
N VAL G 55 -5.81 12.17 3.80
CA VAL G 55 -6.62 11.38 4.74
C VAL G 55 -7.13 12.28 5.87
N HIS G 56 -6.24 13.10 6.42
CA HIS G 56 -6.65 14.01 7.49
C HIS G 56 -7.68 15.00 6.98
N VAL G 57 -7.48 15.52 5.77
CA VAL G 57 -8.41 16.48 5.18
C VAL G 57 -9.82 15.91 5.08
N LYS G 58 -9.99 14.72 4.49
CA LYS G 58 -11.33 14.16 4.34
C LYS G 58 -11.99 13.83 5.69
N HIS G 59 -11.19 13.43 6.67
CA HIS G 59 -11.72 13.12 7.99
C HIS G 59 -12.27 14.40 8.58
N MSE G 60 -11.48 15.47 8.44
CA MSE G 60 -11.83 16.80 8.96
C MSE G 60 -13.10 17.34 8.33
O MSE G 60 -13.99 17.81 9.03
CB MSE G 60 -10.69 17.77 8.68
CG MSE G 60 -10.83 19.17 9.30
SE MSE G 60 -11.80 20.47 8.18
CE MSE G 60 -10.57 20.49 6.64
N LEU G 61 -13.19 17.25 7.01
CA LEU G 61 -14.36 17.76 6.33
C LEU G 61 -15.62 17.01 6.76
N LYS G 62 -15.57 15.69 6.83
CA LYS G 62 -16.75 14.92 7.22
C LYS G 62 -17.18 15.25 8.64
N LYS G 63 -16.22 15.26 9.55
CA LYS G 63 -16.52 15.57 10.95
C LYS G 63 -17.05 16.99 11.17
N MSE G 64 -16.61 17.94 10.37
CA MSE G 64 -17.08 19.31 10.53
C MSE G 64 -18.20 19.65 9.56
O MSE G 64 -18.63 20.79 9.52
CB MSE G 64 -15.93 20.29 10.33
CG MSE G 64 -14.81 20.17 11.34
SE MSE G 64 -15.18 20.77 13.16
CE MSE G 64 -16.28 19.27 13.78
N LYS G 65 -18.65 18.66 8.79
CA LYS G 65 -19.72 18.86 7.81
C LYS G 65 -19.45 20.05 6.88
N LEU G 66 -18.27 20.09 6.29
CA LEU G 66 -17.87 21.15 5.38
C LEU G 66 -17.77 20.51 4.01
N LYS G 67 -18.21 21.23 2.98
CA LYS G 67 -18.24 20.71 1.61
C LYS G 67 -16.90 20.72 0.88
N SER G 68 -15.98 21.56 1.35
CA SER G 68 -14.66 21.68 0.72
C SER G 68 -13.65 22.37 1.63
N ARG G 69 -12.39 22.36 1.21
CA ARG G 69 -11.35 23.01 2.00
C ARG G 69 -11.59 24.52 2.01
N VAL G 70 -12.26 25.04 0.98
CA VAL G 70 -12.52 26.47 0.94
C VAL G 70 -13.51 26.86 2.03
N GLU G 71 -14.55 26.04 2.21
CA GLU G 71 -15.54 26.28 3.27
C GLU G 71 -14.82 26.23 4.60
N ALA G 72 -13.97 25.21 4.76
CA ALA G 72 -13.17 25.05 5.98
C ALA G 72 -12.33 26.30 6.25
N ALA G 73 -11.76 26.89 5.19
CA ALA G 73 -10.94 28.08 5.33
C ALA G 73 -11.76 29.32 5.71
N VAL G 74 -12.90 29.51 5.04
CA VAL G 74 -13.74 30.65 5.32
C VAL G 74 -14.29 30.54 6.75
N TRP G 75 -14.80 29.36 7.08
CA TRP G 75 -15.36 29.08 8.41
C TRP G 75 -14.37 29.47 9.49
N VAL G 76 -13.13 29.01 9.37
CA VAL G 76 -12.09 29.32 10.35
C VAL G 76 -11.90 30.83 10.52
N HIS G 77 -11.97 31.57 9.41
CA HIS G 77 -11.78 33.01 9.46
C HIS G 77 -13.00 33.73 9.99
N GLN G 78 -14.18 33.26 9.62
CA GLN G 78 -15.41 33.87 10.10
C GLN G 78 -15.61 33.66 11.60
N GLU G 79 -15.55 32.40 12.03
CA GLU G 79 -15.71 32.08 13.45
C GLU G 79 -14.45 32.40 14.22
N ARG G 80 -13.53 33.10 13.57
CA ARG G 80 -12.26 33.48 14.19
C ARG G 80 -11.60 32.37 14.99
N ILE G 81 -11.77 31.13 14.53
CA ILE G 81 -11.15 29.98 15.20
C ILE G 81 -9.65 30.15 15.10
N PHE G 82 -8.91 29.65 16.08
CA PHE G 82 -7.46 29.77 16.08
C PHE G 82 -7.02 31.23 16.21
N ARG H 17 -1.65 44.34 -4.50
CA ARG H 17 -2.90 43.67 -4.02
C ARG H 17 -4.06 44.65 -4.06
N ASP H 18 -4.26 45.29 -5.21
CA ASP H 18 -5.33 46.28 -5.35
C ASP H 18 -6.58 45.62 -5.87
N VAL H 19 -7.61 45.54 -5.04
CA VAL H 19 -8.86 44.90 -5.42
C VAL H 19 -9.60 45.77 -6.41
N ASN H 20 -9.20 47.04 -6.49
CA ASN H 20 -9.83 47.97 -7.40
C ASN H 20 -9.34 47.74 -8.81
N GLN H 21 -8.23 47.04 -8.93
CA GLN H 21 -7.68 46.73 -10.23
C GLN H 21 -8.50 45.68 -10.95
N LEU H 22 -9.45 45.08 -10.25
CA LEU H 22 -10.30 44.04 -10.85
C LEU H 22 -11.51 44.67 -11.51
N THR H 23 -12.18 43.90 -12.36
CA THR H 23 -13.37 44.39 -13.03
C THR H 23 -14.55 44.11 -12.10
N PRO H 24 -15.69 44.74 -12.34
CA PRO H 24 -16.85 44.51 -11.49
C PRO H 24 -17.21 43.04 -11.37
N ARG H 25 -17.23 42.33 -12.50
CA ARG H 25 -17.58 40.91 -12.51
C ARG H 25 -16.54 40.10 -11.77
N GLU H 26 -15.28 40.49 -11.87
CA GLU H 26 -14.22 39.81 -11.17
C GLU H 26 -14.38 39.92 -9.66
N ARG H 27 -14.85 41.07 -9.19
CA ARG H 27 -15.08 41.28 -7.77
C ARG H 27 -16.32 40.46 -7.37
N ASP H 28 -17.29 40.38 -8.26
CA ASP H 28 -18.49 39.58 -8.00
C ASP H 28 -18.04 38.16 -7.69
N ILE H 29 -17.15 37.64 -8.54
CA ILE H 29 -16.63 36.28 -8.39
C ILE H 29 -15.84 36.12 -7.08
N LEU H 30 -14.90 37.01 -6.84
CA LEU H 30 -14.10 36.94 -5.62
C LEU H 30 -15.00 36.95 -4.37
N LYS H 31 -16.04 37.77 -4.37
CA LYS H 31 -16.95 37.82 -3.23
C LYS H 31 -17.56 36.44 -2.98
N LEU H 32 -18.08 35.81 -4.03
CA LEU H 32 -18.67 34.50 -3.86
C LEU H 32 -17.62 33.41 -3.46
N ILE H 33 -16.41 33.51 -4.01
CA ILE H 33 -15.35 32.58 -3.64
C ILE H 33 -15.04 32.74 -2.15
N ALA H 34 -15.01 34.00 -1.69
CA ALA H 34 -14.72 34.31 -0.30
C ALA H 34 -15.78 33.74 0.61
N GLN H 35 -16.94 33.43 0.04
CA GLN H 35 -18.03 32.83 0.79
C GLN H 35 -18.01 31.29 0.65
N GLY H 36 -16.92 30.77 0.10
CA GLY H 36 -16.75 29.33 -0.06
C GLY H 36 -17.50 28.57 -1.14
N LEU H 37 -17.95 29.25 -2.18
CA LEU H 37 -18.71 28.63 -3.26
C LEU H 37 -17.87 28.06 -4.40
N PRO H 38 -18.20 26.83 -4.86
CA PRO H 38 -17.46 26.23 -5.97
C PRO H 38 -17.91 26.91 -7.25
N ASN H 39 -17.14 26.79 -8.34
CA ASN H 39 -17.53 27.44 -9.60
C ASN H 39 -18.96 27.17 -10.07
N LYS H 40 -19.42 25.93 -9.91
CA LYS H 40 -20.78 25.56 -10.33
C LYS H 40 -21.86 26.38 -9.60
N MSE H 41 -21.67 26.55 -8.30
CA MSE H 41 -22.61 27.31 -7.47
C MSE H 41 -22.55 28.81 -7.82
O MSE H 41 -23.57 29.52 -7.81
CB MSE H 41 -22.27 27.09 -5.98
CG MSE H 41 -23.49 26.94 -5.10
SE MSE H 41 -24.77 25.63 -5.80
CE MSE H 41 -24.20 24.03 -4.82
N ILE H 42 -21.36 29.31 -8.12
CA ILE H 42 -21.20 30.70 -8.50
C ILE H 42 -21.96 30.94 -9.82
N ALA H 43 -21.90 29.97 -10.72
CA ALA H 43 -22.56 30.08 -12.01
C ALA H 43 -24.08 30.25 -11.86
N ARG H 44 -24.67 29.43 -10.99
CA ARG H 44 -26.11 29.48 -10.75
C ARG H 44 -26.51 30.74 -10.00
N ARG H 45 -25.65 31.20 -9.11
CA ARG H 45 -25.94 32.40 -8.34
C ARG H 45 -25.96 33.61 -9.27
N LEU H 46 -24.98 33.68 -10.16
CA LEU H 46 -24.87 34.80 -11.11
C LEU H 46 -25.61 34.54 -12.42
N ASP H 47 -26.17 33.35 -12.55
CA ASP H 47 -26.92 32.97 -13.75
C ASP H 47 -26.11 33.12 -15.03
N ILE H 48 -24.87 32.65 -15.01
CA ILE H 48 -24.01 32.64 -16.18
C ILE H 48 -23.46 31.24 -16.21
N THR H 49 -22.84 30.84 -17.32
CA THR H 49 -22.32 29.47 -17.40
C THR H 49 -21.09 29.28 -16.50
N GLU H 50 -20.74 28.03 -16.25
CA GLU H 50 -19.58 27.73 -15.42
C GLU H 50 -18.32 28.12 -16.19
N SER H 51 -18.40 28.03 -17.52
CA SER H 51 -17.29 28.39 -18.39
C SER H 51 -16.87 29.82 -18.14
N THR H 52 -17.84 30.73 -18.12
CA THR H 52 -17.61 32.15 -17.87
C THR H 52 -17.07 32.37 -16.44
N VAL H 53 -17.66 31.73 -15.46
CA VAL H 53 -17.15 31.87 -14.10
C VAL H 53 -15.66 31.51 -14.11
N LYS H 54 -15.33 30.38 -14.72
CA LYS H 54 -13.93 29.93 -14.80
C LYS H 54 -12.99 30.94 -15.44
N VAL H 55 -13.48 31.67 -16.44
CA VAL H 55 -12.68 32.69 -17.10
C VAL H 55 -12.46 33.84 -16.12
N HIS H 56 -13.50 34.27 -15.42
CA HIS H 56 -13.35 35.34 -14.43
C HIS H 56 -12.41 34.89 -13.32
N VAL H 57 -12.50 33.64 -12.89
CA VAL H 57 -11.63 33.17 -11.82
C VAL H 57 -10.15 33.24 -12.21
N LYS H 58 -9.79 32.72 -13.39
CA LYS H 58 -8.39 32.74 -13.79
C LYS H 58 -7.87 34.15 -14.05
N HIS H 59 -8.74 35.06 -14.48
CA HIS H 59 -8.31 36.43 -14.70
C HIS H 59 -8.00 37.07 -13.37
N MSE H 60 -8.89 36.86 -12.41
CA MSE H 60 -8.73 37.42 -11.08
C MSE H 60 -7.47 36.88 -10.43
O MSE H 60 -6.66 37.63 -9.88
CB MSE H 60 -9.97 37.09 -10.22
CG MSE H 60 -9.94 37.62 -8.78
SE MSE H 60 -8.98 36.45 -7.56
CE MSE H 60 -10.38 35.12 -7.36
N LEU H 61 -7.29 35.57 -10.51
CA LEU H 61 -6.13 34.93 -9.91
C LEU H 61 -4.81 35.50 -10.47
N LYS H 62 -4.74 35.72 -11.78
CA LYS H 62 -3.53 36.27 -12.38
C LYS H 62 -3.31 37.73 -11.96
N LYS H 63 -4.33 38.54 -12.13
CA LYS H 63 -4.23 39.95 -11.76
C LYS H 63 -3.88 40.17 -10.30
N MSE H 64 -4.45 39.35 -9.40
CA MSE H 64 -4.19 39.50 -7.98
C MSE H 64 -3.00 38.71 -7.47
O MSE H 64 -2.71 38.70 -6.28
CB MSE H 64 -5.44 39.10 -7.18
CG MSE H 64 -6.62 40.03 -7.39
SE MSE H 64 -6.16 41.80 -6.76
CE MSE H 64 -5.65 42.63 -8.45
N LYS H 65 -2.31 38.02 -8.40
CA LYS H 65 -1.15 37.22 -8.03
C LYS H 65 -1.44 36.20 -6.90
N LEU H 66 -2.55 35.47 -7.04
CA LEU H 66 -2.95 34.45 -6.07
C LEU H 66 -2.73 33.09 -6.71
N LYS H 67 -2.28 32.13 -5.91
CA LYS H 67 -2.01 30.79 -6.42
C LYS H 67 -3.25 29.93 -6.56
N SER H 68 -4.30 30.24 -5.80
CA SER H 68 -5.54 29.47 -5.86
C SER H 68 -6.72 30.24 -5.29
N ARG H 69 -7.92 29.70 -5.51
CA ARG H 69 -9.12 30.34 -5.00
C ARG H 69 -9.09 30.33 -3.47
N VAL H 70 -8.32 29.43 -2.89
CA VAL H 70 -8.25 29.37 -1.44
C VAL H 70 -7.45 30.55 -0.93
N GLU H 71 -6.38 30.90 -1.63
CA GLU H 71 -5.58 32.06 -1.23
C GLU H 71 -6.48 33.28 -1.40
N ALA H 72 -7.23 33.30 -2.49
CA ALA H 72 -8.15 34.39 -2.75
C ALA H 72 -9.12 34.58 -1.57
N ALA H 73 -9.68 33.48 -1.07
CA ALA H 73 -10.64 33.51 0.04
C ALA H 73 -10.00 33.97 1.34
N VAL H 74 -8.83 33.42 1.61
CA VAL H 74 -8.09 33.76 2.81
C VAL H 74 -7.69 35.24 2.76
N TRP H 75 -7.13 35.65 1.63
CA TRP H 75 -6.70 37.02 1.42
C TRP H 75 -7.86 37.98 1.71
N VAL H 76 -9.04 37.68 1.16
CA VAL H 76 -10.21 38.53 1.37
C VAL H 76 -10.58 38.69 2.86
N HIS H 77 -10.41 37.62 3.64
CA HIS H 77 -10.75 37.65 5.05
C HIS H 77 -9.73 38.36 5.91
N GLN H 78 -8.46 38.26 5.54
CA GLN H 78 -7.41 38.94 6.27
C GLN H 78 -7.38 40.44 6.01
N GLU H 79 -7.22 40.82 4.75
CA GLU H 79 -7.20 42.23 4.40
C GLU H 79 -8.61 42.80 4.43
N ARG H 80 -9.58 41.94 4.73
CA ARG H 80 -10.97 42.36 4.76
C ARG H 80 -11.36 43.17 3.53
N ILE H 81 -10.90 42.72 2.36
CA ILE H 81 -11.20 43.38 1.08
C ILE H 81 -12.68 43.71 1.01
N PHE H 82 -13.48 42.86 1.64
CA PHE H 82 -14.92 43.05 1.68
C PHE H 82 -15.39 42.94 3.13
S SO4 I . 17.71 -47.63 -3.19
O1 SO4 I . 18.90 -47.10 -2.52
O2 SO4 I . 16.56 -47.60 -2.28
O3 SO4 I . 17.95 -49.03 -3.60
O4 SO4 I . 17.39 -46.79 -4.36
S SO4 J . 16.82 -36.32 19.14
O1 SO4 J . 17.94 -35.44 19.53
O2 SO4 J . 15.69 -35.48 18.69
O3 SO4 J . 16.40 -37.13 20.29
O4 SO4 J . 17.24 -37.22 18.05
S SO4 K . 6.81 -31.48 -20.34
O1 SO4 K . 7.87 -30.46 -20.32
O2 SO4 K . 5.55 -30.90 -19.85
O3 SO4 K . 7.19 -32.57 -19.43
O4 SO4 K . 6.66 -31.95 -21.72
S SO4 L . 2.55 -9.97 -8.50
O1 SO4 L . 3.46 -8.97 -9.09
O2 SO4 L . 1.39 -10.16 -9.40
O3 SO4 L . 2.09 -9.49 -7.18
O4 SO4 L . 3.25 -11.26 -8.35
S SO4 M . -3.63 9.12 -2.52
O1 SO4 M . -2.50 9.69 -1.77
O2 SO4 M . -4.81 8.98 -1.65
O3 SO4 M . -3.26 7.78 -3.01
O4 SO4 M . -3.96 10.01 -3.63
S SO4 N . -3.89 20.67 19.62
O1 SO4 N . -3.96 22.04 20.18
O2 SO4 N . -4.75 20.58 18.42
O3 SO4 N . -4.35 19.68 20.62
O4 SO4 N . -2.50 20.35 19.23
S SO4 O . -14.52 25.18 -19.77
O1 SO4 O . -15.74 25.81 -19.24
O2 SO4 O . -14.77 24.72 -21.15
O3 SO4 O . -14.16 24.05 -18.90
O4 SO4 O . -13.41 26.14 -19.74
S SO4 P . -18.17 46.85 -7.99
O1 SO4 P . -17.00 47.74 -8.01
O2 SO4 P . -18.95 47.05 -9.22
O3 SO4 P . -18.97 47.14 -6.79
O4 SO4 P . -17.71 45.44 -7.95
#